data_1QH5
#
_entry.id   1QH5
#
_cell.length_a   39.550
_cell.length_b   73.800
_cell.length_c   164.700
_cell.angle_alpha   90.00
_cell.angle_beta   90.00
_cell.angle_gamma   90.00
#
_symmetry.space_group_name_H-M   'P 21 21 21'
#
loop_
_entity.id
_entity.type
_entity.pdbx_description
1 polymer 'PROTEIN (HYDROXYACYLGLUTATHIONE HYDROLASE)'
2 non-polymer 'ZINC ION'
3 non-polymer GLUTATHIONE
4 non-polymer S-(N-HYDROXY-N-BROMOPHENYLCARBAMOYL)GLUTATHIONE
5 water water
#
_entity_poly.entity_id   1
_entity_poly.type   'polypeptide(L)'
_entity_poly.pdbx_seq_one_letter_code
;MKVEVLPALTDNYMYLVIDDETKEAAIVDPVQPQKVVDAARKHGVKLTTVLTTHHHWDHAGGNEKLVKLESGLKVYGGDD
RIGALTHKITHLSTLQVGSLNVKCLATPCHTSGHICYFVSKPGGSEPPAVFTGDTLFVAGCGKFYEGTADEMCKALLEVL
GRLPPDTRVYCGHEYTINNLKFARHVEPGNAAIREKLAWAKEKYSIGEPTVPSTLAEEFTYNPFMRVREKTVQQHAGETD
PVTTMRAVRREKDQFKMPRD
;
_entity_poly.pdbx_strand_id   A,B
#
# COMPACT_ATOMS: atom_id res chain seq x y z
N MET A 1 10.89 -3.70 -42.44
CA MET A 1 10.42 -4.53 -41.30
C MET A 1 8.91 -4.59 -41.20
N LYS A 2 8.44 -5.77 -40.79
CA LYS A 2 7.02 -6.00 -40.55
C LYS A 2 6.86 -6.68 -39.18
N VAL A 3 6.00 -6.14 -38.34
CA VAL A 3 5.79 -6.72 -37.00
C VAL A 3 4.40 -7.32 -36.94
N GLU A 4 4.32 -8.63 -36.69
CA GLU A 4 3.00 -9.28 -36.57
C GLU A 4 2.68 -9.52 -35.09
N VAL A 5 1.59 -8.88 -34.66
CA VAL A 5 1.18 -9.00 -33.25
C VAL A 5 0.44 -10.33 -33.07
N LEU A 6 0.91 -11.15 -32.15
CA LEU A 6 0.29 -12.46 -31.92
C LEU A 6 -0.20 -12.63 -30.48
N PRO A 7 -1.49 -12.48 -30.23
CA PRO A 7 -2.04 -12.67 -28.91
C PRO A 7 -1.78 -14.07 -28.38
N ALA A 8 -1.53 -14.19 -27.08
CA ALA A 8 -1.28 -15.45 -26.41
C ALA A 8 -1.90 -15.46 -25.02
N LEU A 9 -2.21 -16.65 -24.49
CA LEU A 9 -2.81 -16.79 -23.16
C LEU A 9 -4.05 -15.93 -23.05
N THR A 10 -4.24 -15.21 -21.95
CA THR A 10 -5.38 -14.33 -21.72
C THR A 10 -5.18 -12.90 -22.19
N ASP A 11 -3.96 -12.37 -21.97
CA ASP A 11 -3.73 -10.96 -22.31
C ASP A 11 -2.28 -10.69 -22.65
N ASN A 12 -1.49 -11.69 -23.01
CA ASN A 12 -0.11 -11.49 -23.44
C ASN A 12 -0.01 -11.26 -24.94
N TYR A 13 1.09 -10.60 -25.35
CA TYR A 13 1.44 -10.43 -26.74
C TYR A 13 2.81 -11.03 -27.03
N MET A 14 2.87 -11.84 -28.10
CA MET A 14 4.13 -12.29 -28.68
C MET A 14 4.28 -11.50 -30.00
N TYR A 15 5.55 -11.32 -30.46
CA TYR A 15 5.76 -10.51 -31.68
C TYR A 15 6.69 -11.16 -32.72
N LEU A 16 6.10 -11.35 -33.92
CA LEU A 16 6.92 -11.90 -35.01
C LEU A 16 7.56 -10.76 -35.83
N VAL A 17 8.87 -10.66 -35.75
CA VAL A 17 9.55 -9.50 -36.39
C VAL A 17 10.18 -10.02 -37.68
N ILE A 18 9.63 -9.54 -38.79
CA ILE A 18 10.03 -10.06 -40.10
C ILE A 18 10.95 -9.12 -40.87
N ASP A 19 12.02 -9.71 -41.38
CA ASP A 19 12.91 -8.97 -42.31
C ASP A 19 12.39 -9.35 -43.70
N ASP A 20 11.70 -8.40 -44.29
CA ASP A 20 11.12 -8.53 -45.63
C ASP A 20 12.14 -8.80 -46.73
N GLU A 21 13.39 -8.40 -46.55
CA GLU A 21 14.42 -8.59 -47.57
C GLU A 21 14.86 -10.04 -47.68
N THR A 22 15.32 -10.64 -46.59
CA THR A 22 15.85 -12.00 -46.59
C THR A 22 14.85 -13.09 -46.24
N LYS A 23 13.69 -12.67 -45.80
CA LYS A 23 12.59 -13.51 -45.36
C LYS A 23 12.93 -14.25 -44.05
N GLU A 24 13.84 -13.75 -43.25
CA GLU A 24 14.24 -14.28 -41.94
C GLU A 24 13.40 -13.57 -40.88
N ALA A 25 13.17 -14.21 -39.73
CA ALA A 25 12.36 -13.57 -38.69
C ALA A 25 12.82 -13.94 -37.29
N ALA A 26 12.53 -13.05 -36.35
CA ALA A 26 12.75 -13.26 -34.92
C ALA A 26 11.36 -13.34 -34.26
N ILE A 27 11.28 -13.96 -33.08
CA ILE A 27 10.06 -14.06 -32.26
C ILE A 27 10.35 -13.54 -30.84
N VAL A 28 9.52 -12.58 -30.42
CA VAL A 28 9.66 -12.02 -29.07
C VAL A 28 8.68 -12.79 -28.15
N ASP A 29 9.25 -13.31 -27.07
CA ASP A 29 8.51 -13.99 -25.97
C ASP A 29 7.54 -15.07 -26.44
N PRO A 30 8.03 -16.19 -27.01
CA PRO A 30 7.21 -17.20 -27.66
C PRO A 30 6.55 -18.22 -26.77
N VAL A 31 5.65 -17.78 -25.88
CA VAL A 31 5.04 -18.65 -24.87
C VAL A 31 4.16 -19.71 -25.46
N GLN A 32 3.50 -19.55 -26.59
CA GLN A 32 2.73 -20.62 -27.24
C GLN A 32 3.44 -20.87 -28.59
N PRO A 33 4.39 -21.82 -28.51
CA PRO A 33 5.24 -22.07 -29.69
C PRO A 33 4.60 -22.52 -30.98
N GLN A 34 3.48 -23.26 -30.97
CA GLN A 34 2.82 -23.69 -32.20
C GLN A 34 2.16 -22.56 -32.97
N LYS A 35 1.66 -21.54 -32.28
CA LYS A 35 1.06 -20.37 -32.88
C LYS A 35 2.17 -19.62 -33.66
N VAL A 36 3.37 -19.63 -33.09
CA VAL A 36 4.54 -19.00 -33.66
C VAL A 36 4.94 -19.69 -34.97
N VAL A 37 4.95 -21.01 -34.98
CA VAL A 37 5.27 -21.79 -36.18
C VAL A 37 4.23 -21.58 -37.26
N ASP A 38 2.93 -21.57 -36.95
CA ASP A 38 1.90 -21.36 -37.97
C ASP A 38 1.99 -19.97 -38.59
N ALA A 39 2.22 -18.95 -37.75
CA ALA A 39 2.37 -17.58 -38.23
C ALA A 39 3.55 -17.46 -39.19
N ALA A 40 4.70 -18.05 -38.83
CA ALA A 40 5.87 -17.99 -39.72
C ALA A 40 5.56 -18.69 -41.04
N ARG A 41 4.89 -19.84 -40.96
CA ARG A 41 4.52 -20.56 -42.18
C ARG A 41 3.53 -19.77 -43.00
N LYS A 42 2.56 -19.09 -42.41
CA LYS A 42 1.58 -18.24 -43.04
C LYS A 42 2.22 -17.04 -43.75
N HIS A 43 3.31 -16.53 -43.16
CA HIS A 43 4.00 -15.39 -43.75
C HIS A 43 5.17 -15.77 -44.65
N GLY A 44 5.46 -17.04 -44.82
CA GLY A 44 6.51 -17.57 -45.66
C GLY A 44 7.92 -17.19 -45.26
N VAL A 45 8.21 -17.12 -43.96
CA VAL A 45 9.53 -16.74 -43.49
C VAL A 45 10.18 -17.83 -42.64
N LYS A 46 11.48 -17.78 -42.49
CA LYS A 46 12.28 -18.71 -41.72
C LYS A 46 12.59 -18.14 -40.33
N LEU A 47 12.12 -18.80 -39.27
CA LEU A 47 12.44 -18.34 -37.90
C LEU A 47 13.89 -18.61 -37.59
N THR A 48 14.70 -17.64 -37.19
CA THR A 48 16.09 -17.80 -36.87
C THR A 48 16.50 -17.48 -35.44
N THR A 49 15.67 -16.65 -34.77
CA THR A 49 16.07 -16.00 -33.52
C THR A 49 14.90 -15.84 -32.55
N VAL A 50 15.24 -16.02 -31.25
CA VAL A 50 14.28 -15.74 -30.15
C VAL A 50 14.88 -14.61 -29.30
N LEU A 51 14.02 -13.59 -29.07
CA LEU A 51 14.40 -12.47 -28.20
C LEU A 51 13.53 -12.60 -26.91
N THR A 52 14.17 -12.78 -25.78
CA THR A 52 13.41 -12.98 -24.54
C THR A 52 13.51 -11.77 -23.64
N THR A 53 12.38 -11.12 -23.34
CA THR A 53 12.46 -9.93 -22.48
C THR A 53 12.83 -10.19 -21.02
N HIS A 54 12.30 -11.31 -20.46
CA HIS A 54 12.58 -11.67 -19.08
C HIS A 54 12.17 -13.13 -18.88
N HIS A 55 12.51 -13.65 -17.69
CA HIS A 55 12.30 -15.04 -17.35
C HIS A 55 10.91 -15.45 -16.93
N HIS A 56 10.00 -14.54 -16.61
CA HIS A 56 8.67 -14.96 -16.14
C HIS A 56 8.07 -15.93 -17.13
N TRP A 57 7.30 -16.92 -16.64
CA TRP A 57 6.80 -17.99 -17.48
C TRP A 57 5.94 -17.57 -18.63
N ASP A 58 5.17 -16.48 -18.50
CA ASP A 58 4.27 -16.00 -19.51
C ASP A 58 5.05 -15.37 -20.69
N HIS A 59 6.34 -15.19 -20.50
CA HIS A 59 7.24 -14.67 -21.56
C HIS A 59 8.19 -15.74 -22.11
N ALA A 60 8.85 -16.45 -21.18
CA ALA A 60 9.89 -17.41 -21.52
C ALA A 60 9.50 -18.88 -21.39
N GLY A 61 8.27 -19.14 -21.04
CA GLY A 61 7.79 -20.50 -20.75
C GLY A 61 7.72 -21.38 -21.97
N GLY A 62 7.78 -20.84 -23.18
CA GLY A 62 7.73 -21.61 -24.41
C GLY A 62 9.10 -21.85 -25.03
N ASN A 63 10.17 -21.32 -24.50
CA ASN A 63 11.51 -21.38 -25.08
C ASN A 63 12.01 -22.82 -25.25
N GLU A 64 11.99 -23.59 -24.16
CA GLU A 64 12.51 -24.97 -24.27
C GLU A 64 11.70 -25.78 -25.26
N LYS A 65 10.40 -25.63 -25.34
CA LYS A 65 9.57 -26.34 -26.28
C LYS A 65 9.83 -25.91 -27.72
N LEU A 66 10.03 -24.60 -27.92
CA LEU A 66 10.27 -24.08 -29.26
C LEU A 66 11.56 -24.64 -29.83
N VAL A 67 12.62 -24.75 -29.07
CA VAL A 67 13.89 -25.29 -29.55
C VAL A 67 13.79 -26.80 -29.85
N LYS A 68 12.75 -27.47 -29.39
CA LYS A 68 12.52 -28.88 -29.76
C LYS A 68 11.64 -28.99 -30.98
N LEU A 69 10.96 -27.95 -31.48
CA LEU A 69 10.20 -27.92 -32.69
C LEU A 69 11.05 -27.43 -33.87
N GLU A 70 11.99 -26.51 -33.62
CA GLU A 70 12.80 -25.89 -34.68
C GLU A 70 14.26 -25.88 -34.26
N SER A 71 15.14 -26.52 -35.04
CA SER A 71 16.56 -26.60 -34.70
C SER A 71 17.36 -25.41 -35.23
N GLY A 72 18.51 -25.19 -34.61
CA GLY A 72 19.43 -24.14 -35.02
C GLY A 72 19.05 -22.72 -34.63
N LEU A 73 18.11 -22.55 -33.70
CA LEU A 73 17.72 -21.19 -33.29
C LEU A 73 18.77 -20.58 -32.37
N LYS A 74 18.90 -19.24 -32.48
CA LYS A 74 19.73 -18.48 -31.56
C LYS A 74 18.74 -17.84 -30.55
N VAL A 75 18.90 -18.19 -29.27
CA VAL A 75 17.97 -17.70 -28.24
C VAL A 75 18.72 -16.73 -27.31
N TYR A 76 18.24 -15.47 -27.41
CA TYR A 76 18.84 -14.37 -26.66
C TYR A 76 18.07 -14.01 -25.38
N GLY A 77 18.82 -13.59 -24.38
CA GLY A 77 18.19 -13.11 -23.14
C GLY A 77 19.25 -12.55 -22.20
N GLY A 78 18.89 -11.81 -21.16
CA GLY A 78 19.81 -11.19 -20.24
C GLY A 78 19.79 -11.79 -18.84
N ASP A 79 19.22 -12.98 -18.73
CA ASP A 79 19.03 -13.63 -17.42
C ASP A 79 19.22 -15.16 -17.57
N ASP A 80 20.07 -15.71 -16.70
CA ASP A 80 20.29 -17.16 -16.72
C ASP A 80 19.06 -18.00 -16.36
N ARG A 81 18.01 -17.44 -15.75
CA ARG A 81 16.80 -18.15 -15.45
C ARG A 81 15.93 -18.38 -16.69
N ILE A 82 16.29 -17.79 -17.84
CA ILE A 82 15.54 -18.01 -19.07
C ILE A 82 15.96 -19.35 -19.65
N GLY A 83 14.96 -20.14 -19.99
CA GLY A 83 15.23 -21.45 -20.57
C GLY A 83 15.83 -21.32 -21.96
N ALA A 84 16.65 -22.31 -22.26
CA ALA A 84 17.26 -22.55 -23.55
C ALA A 84 18.11 -21.46 -24.19
N LEU A 85 18.68 -20.58 -23.36
CA LEU A 85 19.58 -19.59 -23.93
C LEU A 85 20.73 -20.18 -24.71
N THR A 86 21.10 -19.51 -25.80
CA THR A 86 22.32 -19.78 -26.53
C THR A 86 23.23 -18.57 -26.41
N HIS A 87 22.60 -17.36 -26.32
CA HIS A 87 23.41 -16.14 -26.28
C HIS A 87 22.95 -15.23 -25.13
N LYS A 88 23.78 -15.12 -24.11
CA LYS A 88 23.55 -14.25 -22.97
C LYS A 88 24.04 -12.86 -23.33
N ILE A 89 23.12 -11.88 -23.31
CA ILE A 89 23.45 -10.50 -23.72
C ILE A 89 23.24 -9.55 -22.55
N THR A 90 23.66 -8.29 -22.75
CA THR A 90 23.64 -7.26 -21.74
C THR A 90 23.42 -5.90 -22.39
N HIS A 91 23.54 -4.86 -21.55
CA HIS A 91 23.30 -3.51 -22.07
C HIS A 91 24.22 -3.17 -23.22
N LEU A 92 23.61 -2.75 -24.32
CA LEU A 92 24.19 -2.32 -25.57
C LEU A 92 24.73 -3.42 -26.46
N SER A 93 24.45 -4.70 -26.13
CA SER A 93 24.79 -5.82 -27.01
C SER A 93 24.07 -5.62 -28.34
N THR A 94 24.68 -6.00 -29.47
CA THR A 94 24.06 -5.87 -30.76
C THR A 94 24.03 -7.21 -31.52
N LEU A 95 23.03 -7.35 -32.37
CA LEU A 95 22.89 -8.54 -33.22
C LEU A 95 22.07 -8.16 -34.45
N GLN A 96 22.01 -9.05 -35.43
CA GLN A 96 21.23 -8.85 -36.62
C GLN A 96 20.21 -9.96 -36.85
N VAL A 97 19.09 -9.57 -37.43
CA VAL A 97 18.03 -10.51 -37.86
C VAL A 97 17.89 -10.23 -39.35
N GLY A 98 18.58 -11.04 -40.17
CA GLY A 98 18.54 -10.73 -41.62
C GLY A 98 19.26 -9.39 -41.78
N SER A 99 18.62 -8.44 -42.44
CA SER A 99 19.19 -7.11 -42.63
C SER A 99 18.82 -6.15 -41.52
N LEU A 100 18.03 -6.57 -40.53
CA LEU A 100 17.63 -5.68 -39.45
C LEU A 100 18.69 -5.62 -38.36
N ASN A 101 18.80 -4.45 -37.71
CA ASN A 101 19.71 -4.22 -36.61
C ASN A 101 18.96 -4.30 -35.26
N VAL A 102 19.51 -5.00 -34.30
CA VAL A 102 18.89 -5.13 -32.96
C VAL A 102 19.89 -4.68 -31.90
N LYS A 103 19.39 -3.78 -31.04
CA LYS A 103 20.19 -3.31 -29.92
C LYS A 103 19.51 -3.67 -28.59
N CYS A 104 20.23 -4.34 -27.70
CA CYS A 104 19.67 -4.74 -26.39
C CYS A 104 19.81 -3.62 -25.38
N LEU A 105 18.75 -3.34 -24.63
CA LEU A 105 18.74 -2.28 -23.61
C LEU A 105 18.41 -2.86 -22.24
N ALA A 106 19.32 -2.81 -21.28
CA ALA A 106 19.05 -3.39 -19.96
C ALA A 106 18.14 -2.45 -19.19
N THR A 107 17.01 -3.01 -18.73
CA THR A 107 16.06 -2.22 -17.93
C THR A 107 15.69 -2.92 -16.65
N PRO A 108 16.60 -3.17 -15.72
CA PRO A 108 16.32 -3.89 -14.50
C PRO A 108 15.31 -3.15 -13.63
N CYS A 109 14.32 -3.86 -13.10
CA CYS A 109 13.39 -3.38 -12.10
C CYS A 109 12.31 -4.44 -11.88
N HIS A 110 11.48 -4.69 -12.87
CA HIS A 110 10.41 -5.71 -12.82
C HIS A 110 11.09 -7.05 -12.53
N THR A 111 12.18 -7.33 -13.24
CA THR A 111 13.10 -8.40 -12.93
C THR A 111 14.51 -7.80 -13.04
N SER A 112 15.52 -8.38 -12.41
CA SER A 112 16.89 -7.88 -12.52
C SER A 112 17.53 -8.09 -13.89
N GLY A 113 17.08 -9.09 -14.64
CA GLY A 113 17.62 -9.39 -15.94
C GLY A 113 16.75 -9.01 -17.13
N HIS A 114 15.81 -8.08 -16.95
CA HIS A 114 14.94 -7.64 -18.04
C HIS A 114 15.71 -6.89 -19.14
N ILE A 115 15.39 -7.24 -20.37
CA ILE A 115 16.00 -6.57 -21.55
C ILE A 115 14.87 -6.14 -22.48
N CYS A 116 14.97 -4.90 -22.98
CA CYS A 116 14.10 -4.38 -24.04
C CYS A 116 14.92 -4.39 -25.36
N TYR A 117 14.27 -4.74 -26.46
CA TYR A 117 14.99 -4.88 -27.77
C TYR A 117 14.58 -3.76 -28.74
N PHE A 118 15.59 -2.98 -29.17
CA PHE A 118 15.34 -1.85 -30.08
C PHE A 118 15.75 -2.26 -31.51
N VAL A 119 14.78 -2.28 -32.41
CA VAL A 119 14.96 -2.81 -33.76
C VAL A 119 14.81 -1.70 -34.78
N SER A 120 15.80 -1.66 -35.70
CA SER A 120 15.82 -0.60 -36.70
C SER A 120 16.35 -1.13 -38.03
N LYS A 121 15.86 -0.47 -39.09
CA LYS A 121 16.26 -0.83 -40.45
C LYS A 121 17.26 0.22 -40.91
N PRO A 122 18.40 -0.22 -41.38
CA PRO A 122 19.43 0.68 -41.88
C PRO A 122 18.86 1.69 -42.85
N GLY A 123 19.14 2.97 -42.65
CA GLY A 123 18.65 4.02 -43.51
C GLY A 123 17.88 5.12 -42.80
N GLY A 124 16.62 4.85 -42.47
CA GLY A 124 15.76 5.84 -41.83
C GLY A 124 14.46 6.04 -42.62
N SER A 125 14.05 5.03 -43.36
CA SER A 125 12.84 5.09 -44.18
C SER A 125 11.59 4.60 -43.46
N GLU A 126 11.72 4.07 -42.25
CA GLU A 126 10.61 3.59 -41.46
C GLU A 126 10.95 3.86 -39.98
N PRO A 127 9.93 4.08 -39.16
CA PRO A 127 10.15 4.30 -37.74
C PRO A 127 10.66 3.02 -37.10
N PRO A 128 11.51 3.12 -36.08
CA PRO A 128 12.02 1.95 -35.38
C PRO A 128 10.99 1.43 -34.38
N ALA A 129 11.35 0.28 -33.81
CA ALA A 129 10.44 -0.35 -32.85
C ALA A 129 11.19 -0.77 -31.59
N VAL A 130 10.47 -0.76 -30.44
CA VAL A 130 11.09 -1.27 -29.20
C VAL A 130 10.09 -2.24 -28.54
N PHE A 131 10.67 -3.40 -28.20
CA PHE A 131 9.87 -4.48 -27.55
C PHE A 131 10.20 -4.39 -26.04
N THR A 132 9.21 -3.92 -25.25
CA THR A 132 9.45 -3.53 -23.87
C THR A 132 9.00 -4.50 -22.79
N GLY A 133 8.53 -5.67 -23.18
CA GLY A 133 8.12 -6.66 -22.17
C GLY A 133 7.26 -6.09 -21.04
N ASP A 134 7.64 -6.33 -19.80
CA ASP A 134 6.85 -5.85 -18.66
C ASP A 134 7.52 -4.65 -18.00
N THR A 135 8.37 -3.94 -18.69
CA THR A 135 8.95 -2.69 -18.17
C THR A 135 8.03 -1.50 -18.45
N LEU A 136 7.67 -1.27 -19.71
CA LEU A 136 6.79 -0.19 -20.15
C LEU A 136 5.59 -0.81 -20.85
N PHE A 137 4.39 -0.46 -20.38
CA PHE A 137 3.13 -0.84 -21.01
C PHE A 137 2.53 0.40 -21.67
N VAL A 138 1.49 0.24 -22.50
CA VAL A 138 0.77 1.45 -22.99
C VAL A 138 0.05 2.06 -21.80
N ALA A 139 0.51 3.25 -21.37
CA ALA A 139 0.00 3.98 -20.23
C ALA A 139 0.29 3.43 -18.86
N GLY A 140 1.24 2.46 -18.76
CA GLY A 140 1.60 1.89 -17.47
C GLY A 140 3.01 1.35 -17.39
N CYS A 141 3.28 0.53 -16.37
CA CYS A 141 4.59 -0.06 -16.19
C CYS A 141 4.45 -1.34 -15.34
N GLY A 142 5.52 -2.15 -15.34
CA GLY A 142 5.47 -3.39 -14.55
C GLY A 142 5.57 -3.15 -13.05
N LYS A 143 5.06 -4.16 -12.33
CA LYS A 143 5.22 -4.16 -10.86
C LYS A 143 6.70 -4.30 -10.55
N PHE A 144 7.18 -3.76 -9.44
CA PHE A 144 8.58 -3.72 -9.06
C PHE A 144 9.01 -4.98 -8.28
N TYR A 145 8.87 -6.17 -8.89
CA TYR A 145 9.14 -7.39 -8.12
C TYR A 145 10.57 -7.51 -7.63
N GLU A 146 11.57 -7.14 -8.39
CA GLU A 146 12.98 -7.28 -8.09
C GLU A 146 13.78 -5.97 -8.12
N GLY A 147 13.08 -4.83 -7.94
CA GLY A 147 13.77 -3.54 -8.04
C GLY A 147 13.12 -2.38 -7.31
N THR A 148 13.73 -1.21 -7.49
CA THR A 148 13.34 0.02 -6.80
C THR A 148 12.77 1.10 -7.71
N ALA A 149 12.29 2.16 -7.06
CA ALA A 149 11.72 3.29 -7.80
C ALA A 149 12.78 3.99 -8.63
N ASP A 150 14.00 4.10 -8.08
CA ASP A 150 15.09 4.70 -8.83
C ASP A 150 15.40 3.88 -10.08
N GLU A 151 15.38 2.54 -9.99
CA GLU A 151 15.64 1.76 -11.21
C GLU A 151 14.55 1.94 -12.26
N MET A 152 13.28 2.03 -11.85
CA MET A 152 12.23 2.26 -12.86
C MET A 152 12.36 3.66 -13.47
N CYS A 153 12.76 4.68 -12.70
CA CYS A 153 12.99 6.00 -13.30
C CYS A 153 14.08 5.93 -14.35
N LYS A 154 15.19 5.24 -14.03
CA LYS A 154 16.24 5.13 -15.04
C LYS A 154 15.79 4.38 -16.30
N ALA A 155 15.06 3.28 -16.10
CA ALA A 155 14.59 2.51 -17.25
C ALA A 155 13.66 3.32 -18.17
N LEU A 156 12.71 4.05 -17.59
CA LEU A 156 11.71 4.76 -18.39
C LEU A 156 12.19 6.10 -18.90
N LEU A 157 12.85 6.89 -18.04
CA LEU A 157 13.20 8.25 -18.45
C LEU A 157 14.53 8.35 -19.17
N GLU A 158 15.51 7.51 -18.87
CA GLU A 158 16.83 7.63 -19.52
C GLU A 158 17.04 6.59 -20.61
N VAL A 159 16.82 5.33 -20.30
CA VAL A 159 17.05 4.27 -21.30
C VAL A 159 15.98 4.33 -22.37
N LEU A 160 14.73 4.06 -22.05
CA LEU A 160 13.69 4.13 -23.10
C LEU A 160 13.33 5.55 -23.49
N GLY A 161 13.31 6.48 -22.53
CA GLY A 161 12.88 7.84 -22.78
C GLY A 161 13.76 8.66 -23.70
N ARG A 162 14.98 8.24 -23.96
CA ARG A 162 15.91 8.90 -24.84
C ARG A 162 15.94 8.34 -26.25
N LEU A 163 15.16 7.33 -26.57
CA LEU A 163 15.00 6.79 -27.92
C LEU A 163 14.23 7.78 -28.79
N PRO A 164 14.25 7.64 -30.11
CA PRO A 164 13.53 8.60 -30.97
C PRO A 164 12.07 8.68 -30.59
N PRO A 165 11.42 9.85 -30.56
CA PRO A 165 10.01 9.95 -30.24
C PRO A 165 9.04 9.16 -31.08
N ASP A 166 9.34 8.88 -32.35
CA ASP A 166 8.49 8.10 -33.22
C ASP A 166 8.66 6.58 -33.05
N THR A 167 9.55 6.14 -32.16
CA THR A 167 9.72 4.70 -31.93
C THR A 167 8.37 4.08 -31.53
N ARG A 168 7.98 2.97 -32.17
CA ARG A 168 6.77 2.23 -31.84
C ARG A 168 7.00 1.34 -30.60
N VAL A 169 6.09 1.34 -29.67
CA VAL A 169 6.18 0.57 -28.42
C VAL A 169 5.28 -0.68 -28.46
N TYR A 170 5.94 -1.83 -28.37
CA TYR A 170 5.24 -3.13 -28.43
C TYR A 170 5.49 -3.82 -27.09
N CYS A 171 4.49 -3.76 -26.21
CA CYS A 171 4.67 -4.25 -24.84
C CYS A 171 4.13 -5.65 -24.59
N GLY A 172 4.37 -6.17 -23.36
CA GLY A 172 4.06 -7.58 -23.12
C GLY A 172 2.62 -7.95 -22.94
N HIS A 173 1.77 -7.03 -22.45
CA HIS A 173 0.38 -7.31 -22.13
C HIS A 173 -0.63 -6.27 -22.63
N GLU A 174 -1.87 -6.72 -22.78
CA GLU A 174 -3.00 -5.84 -23.09
C GLU A 174 -3.64 -5.34 -21.80
N TYR A 175 -3.01 -4.32 -21.17
CA TYR A 175 -3.49 -3.74 -19.93
C TYR A 175 -3.97 -2.29 -20.12
N THR A 176 -4.06 -1.85 -21.36
CA THR A 176 -4.25 -0.43 -21.67
C THR A 176 -5.44 0.25 -21.03
N ILE A 177 -6.63 -0.37 -21.08
CA ILE A 177 -7.82 0.25 -20.47
C ILE A 177 -7.66 0.48 -18.99
N ASN A 178 -7.23 -0.52 -18.23
CA ASN A 178 -7.05 -0.40 -16.77
C ASN A 178 -5.94 0.59 -16.42
N ASN A 179 -4.87 0.56 -17.27
CA ASN A 179 -3.78 1.53 -17.07
C ASN A 179 -4.32 2.96 -17.20
N LEU A 180 -5.15 3.22 -18.19
CA LEU A 180 -5.70 4.57 -18.40
C LEU A 180 -6.71 4.94 -17.34
N LYS A 181 -7.49 4.01 -16.76
CA LYS A 181 -8.41 4.37 -15.67
C LYS A 181 -7.62 4.83 -14.47
N PHE A 182 -6.48 4.21 -14.16
CA PHE A 182 -5.61 4.65 -13.06
C PHE A 182 -5.00 6.01 -13.39
N ALA A 183 -4.49 6.17 -14.62
CA ALA A 183 -3.91 7.44 -15.07
C ALA A 183 -4.91 8.59 -14.90
N ARG A 184 -6.19 8.36 -15.21
CA ARG A 184 -7.23 9.39 -15.02
C ARG A 184 -7.41 9.75 -13.58
N HIS A 185 -7.25 8.88 -12.60
CA HIS A 185 -7.30 9.19 -11.19
C HIS A 185 -6.11 10.06 -10.81
N VAL A 186 -4.91 9.80 -11.36
CA VAL A 186 -3.72 10.61 -11.05
C VAL A 186 -3.84 11.99 -11.66
N GLU A 187 -4.31 12.10 -12.89
CA GLU A 187 -4.46 13.38 -13.58
C GLU A 187 -5.85 13.54 -14.19
N PRO A 188 -6.86 13.93 -13.40
CA PRO A 188 -8.21 14.08 -13.93
C PRO A 188 -8.40 15.21 -14.90
N GLY A 189 -7.46 16.13 -15.07
CA GLY A 189 -7.57 17.21 -16.03
C GLY A 189 -6.84 16.96 -17.33
N ASN A 190 -6.19 15.77 -17.47
CA ASN A 190 -5.39 15.50 -18.68
C ASN A 190 -6.24 14.95 -19.81
N ALA A 191 -6.37 15.73 -20.87
CA ALA A 191 -7.17 15.42 -22.06
C ALA A 191 -6.65 14.22 -22.86
N ALA A 192 -5.33 14.07 -22.98
CA ALA A 192 -4.76 12.92 -23.70
C ALA A 192 -5.17 11.58 -23.07
N ILE A 193 -5.25 11.54 -21.76
CA ILE A 193 -5.66 10.34 -21.04
C ILE A 193 -7.11 9.99 -21.38
N ARG A 194 -8.04 10.96 -21.20
CA ARG A 194 -9.44 10.58 -21.46
C ARG A 194 -9.65 10.23 -22.92
N GLU A 195 -9.00 10.86 -23.87
CA GLU A 195 -9.11 10.58 -25.29
C GLU A 195 -8.56 9.20 -25.63
N LYS A 196 -7.42 8.83 -25.07
CA LYS A 196 -6.83 7.51 -25.26
C LYS A 196 -7.74 6.45 -24.63
N LEU A 197 -8.33 6.75 -23.47
CA LEU A 197 -9.20 5.79 -22.80
C LEU A 197 -10.40 5.43 -23.67
N ALA A 198 -11.04 6.46 -24.22
CA ALA A 198 -12.21 6.24 -25.09
C ALA A 198 -11.81 5.46 -26.31
N TRP A 199 -10.67 5.72 -26.95
CA TRP A 199 -10.14 5.00 -28.08
C TRP A 199 -9.85 3.53 -27.76
N ALA A 200 -9.24 3.27 -26.60
CA ALA A 200 -8.90 1.91 -26.15
C ALA A 200 -10.15 1.09 -25.90
N LYS A 201 -11.21 1.66 -25.33
CA LYS A 201 -12.47 0.93 -25.17
C LYS A 201 -13.00 0.51 -26.53
N GLU A 202 -12.90 1.34 -27.59
CA GLU A 202 -13.36 0.97 -28.92
C GLU A 202 -12.54 -0.13 -29.55
N LYS A 203 -11.22 -0.12 -29.40
CA LYS A 203 -10.34 -1.16 -29.88
C LYS A 203 -10.66 -2.51 -29.23
N TYR A 204 -10.92 -2.53 -27.92
CA TYR A 204 -11.29 -3.73 -27.19
C TYR A 204 -12.61 -4.30 -27.73
N SER A 205 -13.56 -3.43 -28.04
CA SER A 205 -14.85 -3.88 -28.59
C SER A 205 -14.68 -4.55 -29.94
N ILE A 206 -13.84 -4.07 -30.84
CA ILE A 206 -13.67 -4.66 -32.16
C ILE A 206 -12.59 -5.73 -32.23
N GLY A 207 -11.93 -6.06 -31.12
CA GLY A 207 -10.94 -7.12 -31.07
C GLY A 207 -9.58 -6.77 -31.66
N GLU A 208 -9.20 -5.51 -31.67
CA GLU A 208 -7.89 -5.11 -32.21
C GLU A 208 -6.98 -4.70 -31.04
N PRO A 209 -5.70 -5.06 -31.10
CA PRO A 209 -4.75 -4.72 -30.06
C PRO A 209 -4.55 -3.22 -29.98
N THR A 210 -4.18 -2.74 -28.79
CA THR A 210 -3.88 -1.33 -28.56
C THR A 210 -2.39 -1.03 -28.80
N VAL A 211 -1.61 -2.03 -29.23
CA VAL A 211 -0.19 -1.82 -29.55
C VAL A 211 -0.08 -1.73 -31.08
N PRO A 212 0.89 -1.03 -31.62
CA PRO A 212 1.87 -0.30 -30.87
C PRO A 212 1.42 1.10 -30.50
N SER A 213 1.98 1.68 -29.44
CA SER A 213 1.84 3.11 -29.17
C SER A 213 3.16 3.73 -29.66
N THR A 214 3.44 4.99 -29.37
CA THR A 214 4.72 5.61 -29.67
C THR A 214 5.30 6.24 -28.41
N LEU A 215 6.64 6.43 -28.34
CA LEU A 215 7.22 7.04 -27.16
C LEU A 215 6.67 8.46 -26.95
N ALA A 216 6.48 9.19 -28.07
CA ALA A 216 5.85 10.50 -27.94
C ALA A 216 4.49 10.46 -27.26
N GLU A 217 3.62 9.53 -27.66
CA GLU A 217 2.32 9.39 -27.02
C GLU A 217 2.43 9.02 -25.55
N GLU A 218 3.39 8.11 -25.21
CA GLU A 218 3.50 7.73 -23.78
C GLU A 218 3.83 8.90 -22.87
N PHE A 219 4.65 9.87 -23.38
CA PHE A 219 4.96 11.06 -22.57
C PHE A 219 3.75 11.94 -22.33
N THR A 220 2.64 11.79 -23.06
CA THR A 220 1.45 12.60 -22.86
C THR A 220 0.47 11.96 -21.89
N TYR A 221 0.44 10.63 -21.71
CA TYR A 221 -0.60 10.01 -20.89
C TYR A 221 -0.16 8.97 -19.89
N ASN A 222 1.12 8.55 -19.86
CA ASN A 222 1.55 7.49 -18.92
C ASN A 222 1.99 8.11 -17.60
N PRO A 223 1.36 7.84 -16.46
CA PRO A 223 1.80 8.52 -15.22
C PRO A 223 3.21 8.18 -14.82
N PHE A 224 3.75 7.00 -15.13
CA PHE A 224 5.09 6.59 -14.77
C PHE A 224 6.09 7.31 -15.65
N MET A 225 5.76 7.63 -16.91
CA MET A 225 6.66 8.43 -17.72
C MET A 225 6.55 9.92 -17.34
N ARG A 226 5.52 10.29 -16.61
CA ARG A 226 5.25 11.71 -16.28
C ARG A 226 5.57 12.07 -14.84
N VAL A 227 6.48 11.31 -14.17
CA VAL A 227 6.85 11.60 -12.79
C VAL A 227 7.63 12.93 -12.62
N ARG A 228 8.07 13.57 -13.68
CA ARG A 228 8.67 14.92 -13.60
C ARG A 228 7.65 16.02 -13.75
N GLU A 229 6.36 15.75 -14.02
CA GLU A 229 5.32 16.75 -14.19
C GLU A 229 4.76 17.18 -12.86
N LYS A 230 4.52 18.50 -12.72
CA LYS A 230 3.95 19.04 -11.49
C LYS A 230 2.61 18.46 -11.10
N THR A 231 1.74 18.11 -12.07
CA THR A 231 0.44 17.53 -11.76
C THR A 231 0.55 16.15 -11.09
N VAL A 232 1.52 15.36 -11.58
CA VAL A 232 1.72 14.01 -11.00
C VAL A 232 2.34 14.10 -9.61
N GLN A 233 3.33 15.00 -9.46
CA GLN A 233 3.94 15.22 -8.15
C GLN A 233 2.90 15.72 -7.13
N GLN A 234 2.03 16.63 -7.53
CA GLN A 234 0.99 17.12 -6.62
C GLN A 234 0.08 15.98 -6.18
N HIS A 235 -0.33 15.10 -7.10
CA HIS A 235 -1.16 13.95 -6.71
C HIS A 235 -0.48 13.08 -5.66
N ALA A 236 0.81 12.78 -5.83
CA ALA A 236 1.59 11.96 -4.91
C ALA A 236 2.00 12.67 -3.62
N GLY A 237 1.89 13.99 -3.59
CA GLY A 237 2.32 14.77 -2.42
C GLY A 237 3.83 14.81 -2.32
N GLU A 238 4.56 14.76 -3.43
CA GLU A 238 6.01 14.72 -3.46
C GLU A 238 6.59 15.81 -4.35
N THR A 239 7.91 16.05 -4.30
CA THR A 239 8.49 17.12 -5.10
C THR A 239 9.70 16.71 -5.91
N ASP A 240 9.89 15.40 -6.16
CA ASP A 240 10.98 14.88 -7.00
C ASP A 240 10.48 13.62 -7.73
N PRO A 241 11.11 13.26 -8.83
CA PRO A 241 10.63 12.10 -9.59
C PRO A 241 10.80 10.74 -8.96
N VAL A 242 11.84 10.49 -8.18
CA VAL A 242 12.01 9.17 -7.57
C VAL A 242 10.98 8.89 -6.50
N THR A 243 10.76 9.87 -5.59
CA THR A 243 9.75 9.65 -4.55
C THR A 243 8.35 9.59 -5.15
N THR A 244 8.10 10.36 -6.20
CA THR A 244 6.82 10.33 -6.92
C THR A 244 6.62 8.95 -7.55
N MET A 245 7.66 8.42 -8.22
CA MET A 245 7.51 7.06 -8.81
C MET A 245 7.16 6.03 -7.75
N ARG A 246 7.85 6.11 -6.59
CA ARG A 246 7.58 5.12 -5.54
C ARG A 246 6.14 5.19 -5.03
N ALA A 247 5.65 6.44 -4.85
CA ALA A 247 4.30 6.64 -4.34
C ALA A 247 3.23 6.22 -5.33
N VAL A 248 3.37 6.57 -6.61
CA VAL A 248 2.41 6.22 -7.66
C VAL A 248 2.36 4.71 -7.89
N ARG A 249 3.55 4.06 -7.83
CA ARG A 249 3.50 2.59 -8.04
C ARG A 249 2.85 1.87 -6.86
N ARG A 250 3.11 2.36 -5.64
CA ARG A 250 2.44 1.78 -4.46
C ARG A 250 0.94 2.00 -4.53
N GLU A 251 0.49 3.19 -4.95
CA GLU A 251 -0.91 3.48 -5.09
C GLU A 251 -1.59 2.59 -6.13
N LYS A 252 -0.93 2.41 -7.30
CA LYS A 252 -1.54 1.57 -8.32
C LYS A 252 -1.66 0.12 -7.85
N ASP A 253 -0.68 -0.37 -7.07
CA ASP A 253 -0.69 -1.72 -6.54
C ASP A 253 -1.97 -2.07 -5.78
N GLN A 254 -2.58 -1.12 -5.07
CA GLN A 254 -3.80 -1.40 -4.33
C GLN A 254 -5.01 -0.64 -4.84
N PHE A 255 -4.93 -0.06 -6.03
CA PHE A 255 -6.03 0.72 -6.61
C PHE A 255 -7.22 -0.13 -6.97
N LYS A 256 -8.41 0.29 -6.54
CA LYS A 256 -9.63 -0.41 -6.92
C LYS A 256 -10.11 0.10 -8.27
N MET A 257 -10.04 -0.73 -9.30
CA MET A 257 -10.43 -0.35 -10.66
C MET A 257 -11.91 -0.09 -10.85
N PRO A 258 -12.29 1.09 -11.33
CA PRO A 258 -13.68 1.42 -11.57
C PRO A 258 -14.21 0.71 -12.81
N ARG A 259 -15.52 0.66 -12.95
CA ARG A 259 -16.17 -0.05 -14.05
C ARG A 259 -16.21 0.70 -15.36
N ASP A 260 -16.02 2.01 -15.37
CA ASP A 260 -16.00 2.80 -16.60
C ASP A 260 -14.95 3.92 -16.41
N MET B 1 -13.49 7.50 41.38
CA MET B 1 -12.44 7.01 40.44
C MET B 1 -11.63 8.20 39.96
N LYS B 2 -10.31 8.09 39.97
CA LYS B 2 -9.43 9.12 39.48
C LYS B 2 -8.50 8.48 38.44
N VAL B 3 -8.19 9.20 37.38
CA VAL B 3 -7.26 8.67 36.37
C VAL B 3 -6.12 9.64 36.20
N GLU B 4 -4.87 9.24 36.44
CA GLU B 4 -3.75 10.12 36.21
C GLU B 4 -3.02 9.72 34.92
N VAL B 5 -2.85 10.70 34.06
CA VAL B 5 -2.18 10.48 32.77
C VAL B 5 -0.67 10.61 32.94
N LEU B 6 0.03 9.56 32.56
CA LEU B 6 1.49 9.54 32.71
C LEU B 6 2.21 9.41 31.38
N PRO B 7 2.70 10.48 30.79
CA PRO B 7 3.46 10.42 29.55
C PRO B 7 4.65 9.49 29.68
N ALA B 8 4.97 8.75 28.63
CA ALA B 8 6.10 7.83 28.57
C ALA B 8 6.72 7.86 27.17
N LEU B 9 8.01 7.52 27.10
CA LEU B 9 8.74 7.49 25.82
C LEU B 9 8.59 8.81 25.08
N THR B 10 8.37 8.77 23.78
CA THR B 10 8.21 9.94 22.94
C THR B 10 6.78 10.47 22.91
N ASP B 11 5.82 9.54 22.78
CA ASP B 11 4.41 9.91 22.61
C ASP B 11 3.46 8.84 23.13
N ASN B 12 3.84 8.02 24.08
CA ASN B 12 2.97 7.01 24.70
C ASN B 12 2.30 7.57 25.95
N TYR B 13 1.19 6.96 26.37
CA TYR B 13 0.52 7.26 27.61
C TYR B 13 0.29 6.01 28.43
N MET B 14 0.69 6.06 29.70
CA MET B 14 0.35 5.06 30.68
C MET B 14 -0.74 5.73 31.59
N TYR B 15 -1.55 4.88 32.25
CA TYR B 15 -2.64 5.44 33.07
C TYR B 15 -2.73 4.76 34.44
N LEU B 16 -2.63 5.62 35.47
CA LEU B 16 -2.78 5.16 36.87
C LEU B 16 -4.25 5.36 37.27
N VAL B 17 -4.93 4.26 37.49
CA VAL B 17 -6.36 4.25 37.74
C VAL B 17 -6.58 3.99 39.24
N ILE B 18 -7.07 5.04 39.91
CA ILE B 18 -7.21 4.93 41.37
C ILE B 18 -8.62 4.73 41.88
N ASP B 19 -8.82 3.81 42.82
CA ASP B 19 -10.12 3.65 43.47
C ASP B 19 -10.13 4.58 44.70
N ASP B 20 -11.03 5.57 44.68
CA ASP B 20 -11.13 6.52 45.78
C ASP B 20 -11.52 5.85 47.09
N GLU B 21 -12.33 4.82 47.04
CA GLU B 21 -12.84 4.13 48.22
C GLU B 21 -11.82 3.33 48.98
N THR B 22 -10.89 2.64 48.33
CA THR B 22 -9.91 1.81 49.01
C THR B 22 -8.49 2.29 48.87
N LYS B 23 -8.26 3.17 47.89
CA LYS B 23 -6.95 3.65 47.51
C LYS B 23 -6.10 2.55 46.87
N GLU B 24 -6.73 1.53 46.31
CA GLU B 24 -6.05 0.49 45.54
C GLU B 24 -6.01 1.08 44.11
N ALA B 25 -4.96 0.70 43.36
CA ALA B 25 -4.80 1.26 42.02
C ALA B 25 -4.32 0.21 41.02
N ALA B 26 -4.62 0.52 39.76
CA ALA B 26 -4.19 -0.29 38.60
C ALA B 26 -3.33 0.62 37.72
N ILE B 27 -2.46 -0.04 36.92
CA ILE B 27 -1.65 0.72 35.94
C ILE B 27 -1.88 0.09 34.56
N VAL B 28 -2.21 0.99 33.60
CA VAL B 28 -2.38 0.54 32.22
C VAL B 28 -1.10 0.81 31.44
N ASP B 29 -0.59 -0.30 30.83
CA ASP B 29 0.62 -0.22 29.96
C ASP B 29 1.88 0.44 30.53
N PRO B 30 2.45 -0.17 31.60
CA PRO B 30 3.54 0.43 32.36
C PRO B 30 4.94 0.31 31.79
N VAL B 31 5.19 0.85 30.60
CA VAL B 31 6.48 0.71 29.89
C VAL B 31 7.63 1.41 30.61
N GLN B 32 7.39 2.42 31.42
CA GLN B 32 8.48 3.07 32.19
C GLN B 32 8.09 2.92 33.66
N PRO B 33 8.46 1.79 34.27
CA PRO B 33 8.11 1.45 35.62
C PRO B 33 8.54 2.39 36.73
N GLN B 34 9.67 3.09 36.66
CA GLN B 34 10.00 3.98 37.77
C GLN B 34 9.03 5.16 37.83
N LYS B 35 8.54 5.63 36.68
CA LYS B 35 7.55 6.69 36.67
C LYS B 35 6.26 6.19 37.30
N VAL B 36 5.92 4.92 37.13
CA VAL B 36 4.72 4.33 37.70
C VAL B 36 4.82 4.31 39.24
N VAL B 37 5.96 3.78 39.72
CA VAL B 37 6.17 3.77 41.18
C VAL B 37 6.23 5.18 41.73
N ASP B 38 6.89 6.15 41.12
CA ASP B 38 6.92 7.53 41.58
C ASP B 38 5.50 8.07 41.68
N ALA B 39 4.66 7.88 40.65
CA ALA B 39 3.28 8.39 40.68
C ALA B 39 2.42 7.74 41.75
N ALA B 40 2.59 6.46 42.00
CA ALA B 40 1.82 5.77 43.04
C ALA B 40 2.24 6.32 44.42
N ARG B 41 3.53 6.61 44.61
CA ARG B 41 3.98 7.19 45.88
C ARG B 41 3.51 8.61 46.07
N LYS B 42 3.45 9.41 45.00
CA LYS B 42 2.93 10.77 45.05
C LYS B 42 1.48 10.80 45.52
N HIS B 43 0.65 9.88 45.05
CA HIS B 43 -0.76 9.81 45.37
C HIS B 43 -1.07 8.93 46.57
N GLY B 44 -0.06 8.34 47.20
CA GLY B 44 -0.22 7.46 48.34
C GLY B 44 -1.17 6.31 48.12
N VAL B 45 -1.05 5.63 46.96
CA VAL B 45 -1.95 4.54 46.60
C VAL B 45 -1.19 3.22 46.55
N LYS B 46 -1.92 2.11 46.68
CA LYS B 46 -1.30 0.79 46.63
C LYS B 46 -1.52 0.13 45.25
N LEU B 47 -0.43 -0.05 44.51
CA LEU B 47 -0.55 -0.66 43.17
C LEU B 47 -0.79 -2.16 43.28
N THR B 48 -1.91 -2.67 42.78
CA THR B 48 -2.22 -4.08 42.88
C THR B 48 -2.34 -4.82 41.54
N THR B 49 -2.57 -4.04 40.46
CA THR B 49 -2.95 -4.64 39.18
C THR B 49 -2.34 -3.98 37.95
N VAL B 50 -1.96 -4.78 36.96
CA VAL B 50 -1.47 -4.28 35.67
C VAL B 50 -2.48 -4.69 34.62
N LEU B 51 -2.94 -3.70 33.83
CA LEU B 51 -3.88 -3.95 32.72
C LEU B 51 -3.12 -3.69 31.39
N THR B 52 -2.87 -4.78 30.63
CA THR B 52 -2.05 -4.60 29.40
C THR B 52 -2.95 -4.69 28.18
N THR B 53 -2.90 -3.57 27.41
CA THR B 53 -3.80 -3.55 26.23
C THR B 53 -3.37 -4.47 25.11
N HIS B 54 -2.05 -4.62 24.89
CA HIS B 54 -1.53 -5.49 23.81
C HIS B 54 -0.05 -5.72 24.07
N HIS B 55 0.48 -6.66 23.23
CA HIS B 55 1.86 -7.12 23.44
C HIS B 55 2.99 -6.25 22.93
N HIS B 56 2.71 -5.29 22.06
CA HIS B 56 3.78 -4.41 21.55
C HIS B 56 4.63 -3.85 22.67
N TRP B 57 5.94 -3.80 22.46
CA TRP B 57 6.90 -3.38 23.49
C TRP B 57 6.61 -2.06 24.14
N ASP B 58 6.11 -1.08 23.36
CA ASP B 58 5.83 0.26 23.90
C ASP B 58 4.66 0.23 24.90
N HIS B 59 3.94 -0.87 25.01
CA HIS B 59 2.86 -1.04 25.96
C HIS B 59 3.16 -2.07 27.04
N ALA B 60 3.75 -3.20 26.70
CA ALA B 60 4.01 -4.30 27.64
C ALA B 60 5.47 -4.47 28.04
N GLY B 61 6.36 -3.68 27.51
CA GLY B 61 7.80 -3.85 27.71
C GLY B 61 8.32 -3.56 29.09
N GLY B 62 7.54 -2.99 29.98
CA GLY B 62 8.00 -2.67 31.34
C GLY B 62 7.45 -3.66 32.34
N ASN B 63 6.62 -4.61 31.95
CA ASN B 63 5.96 -5.55 32.82
C ASN B 63 6.97 -6.37 33.65
N GLU B 64 7.97 -6.93 32.98
CA GLU B 64 8.97 -7.75 33.69
C GLU B 64 9.65 -6.94 34.79
N LYS B 65 10.10 -5.74 34.45
CA LYS B 65 10.73 -4.86 35.43
C LYS B 65 9.79 -4.46 36.55
N LEU B 66 8.52 -4.13 36.27
CA LEU B 66 7.60 -3.68 37.31
C LEU B 66 7.34 -4.75 38.35
N VAL B 67 7.25 -6.01 37.95
CA VAL B 67 7.01 -7.13 38.87
C VAL B 67 8.26 -7.40 39.71
N LYS B 68 9.41 -6.85 39.37
CA LYS B 68 10.59 -6.99 40.22
C LYS B 68 10.64 -5.80 41.17
N LEU B 69 10.11 -4.65 40.79
CA LEU B 69 10.10 -3.48 41.65
C LEU B 69 9.00 -3.62 42.71
N GLU B 70 7.83 -4.10 42.32
CA GLU B 70 6.69 -4.24 43.20
C GLU B 70 6.20 -5.67 43.33
N SER B 71 5.99 -6.15 44.55
CA SER B 71 5.54 -7.53 44.73
C SER B 71 4.03 -7.69 44.86
N GLY B 72 3.57 -8.88 44.50
CA GLY B 72 2.20 -9.29 44.56
C GLY B 72 1.28 -8.81 43.45
N LEU B 73 1.82 -8.24 42.38
CA LEU B 73 0.97 -7.73 41.30
C LEU B 73 0.31 -8.82 40.48
N LYS B 74 -0.91 -8.57 40.06
CA LYS B 74 -1.66 -9.41 39.12
C LYS B 74 -1.54 -8.77 37.74
N VAL B 75 -0.96 -9.41 36.76
CA VAL B 75 -0.75 -8.83 35.43
C VAL B 75 -1.75 -9.45 34.46
N TYR B 76 -2.69 -8.62 33.99
CA TYR B 76 -3.74 -9.02 33.06
C TYR B 76 -3.45 -8.68 31.58
N GLY B 77 -3.95 -9.56 30.71
CA GLY B 77 -3.72 -9.32 29.26
C GLY B 77 -4.43 -10.42 28.50
N GLY B 78 -4.59 -10.19 27.18
CA GLY B 78 -5.32 -11.17 26.37
C GLY B 78 -4.45 -11.92 25.36
N ASP B 79 -3.14 -11.88 25.56
CA ASP B 79 -2.23 -12.47 24.56
C ASP B 79 -1.04 -13.09 25.29
N ASP B 80 -0.71 -14.33 24.88
CA ASP B 80 0.43 -15.04 25.46
C ASP B 80 1.77 -14.38 25.18
N ARG B 81 1.89 -13.45 24.24
CA ARG B 81 3.12 -12.71 24.01
C ARG B 81 3.40 -11.62 25.03
N ILE B 82 2.47 -11.34 25.95
CA ILE B 82 2.69 -10.26 26.93
C ILE B 82 3.66 -10.66 28.03
N GLY B 83 4.66 -9.83 28.26
CA GLY B 83 5.63 -10.12 29.33
C GLY B 83 5.03 -10.15 30.72
N ALA B 84 5.46 -11.09 31.55
CA ALA B 84 5.08 -11.30 32.93
C ALA B 84 3.60 -11.53 33.19
N LEU B 85 2.88 -12.03 32.19
CA LEU B 85 1.45 -12.30 32.29
C LEU B 85 1.11 -13.29 33.38
N THR B 86 0.14 -13.00 34.24
CA THR B 86 -0.31 -13.90 35.29
C THR B 86 -1.75 -14.34 35.14
N HIS B 87 -2.60 -13.46 34.57
CA HIS B 87 -4.01 -13.75 34.38
C HIS B 87 -4.42 -13.49 32.92
N LYS B 88 -4.55 -14.52 32.14
CA LYS B 88 -4.99 -14.41 30.74
C LYS B 88 -6.49 -14.22 30.72
N ILE B 89 -6.95 -13.10 30.14
CA ILE B 89 -8.38 -12.84 30.07
C ILE B 89 -8.86 -12.77 28.63
N THR B 90 -10.17 -12.80 28.42
CA THR B 90 -10.83 -12.80 27.13
C THR B 90 -12.02 -11.84 27.10
N HIS B 91 -12.75 -11.85 25.98
CA HIS B 91 -13.90 -10.97 25.82
C HIS B 91 -14.92 -11.15 26.96
N LEU B 92 -15.27 -10.10 27.66
CA LEU B 92 -16.22 -10.04 28.74
C LEU B 92 -15.71 -10.58 30.06
N SER B 93 -14.43 -10.95 30.19
CA SER B 93 -13.85 -11.27 31.50
C SER B 93 -14.00 -10.07 32.43
N THR B 94 -14.19 -10.22 33.73
CA THR B 94 -14.33 -9.16 34.70
C THR B 94 -13.39 -9.33 35.90
N LEU B 95 -13.03 -8.22 36.51
CA LEU B 95 -12.19 -8.20 37.70
C LEU B 95 -12.48 -6.93 38.48
N GLN B 96 -12.00 -6.82 39.70
CA GLN B 96 -12.19 -5.63 40.51
C GLN B 96 -10.87 -4.98 40.88
N VAL B 97 -10.91 -3.66 41.02
CA VAL B 97 -9.77 -2.88 41.50
C VAL B 97 -10.38 -2.10 42.68
N GLY B 98 -10.29 -2.71 43.86
CA GLY B 98 -10.97 -2.09 45.02
C GLY B 98 -12.46 -2.19 44.70
N SER B 99 -13.17 -1.07 44.82
CA SER B 99 -14.58 -1.04 44.51
C SER B 99 -14.88 -0.88 43.01
N LEU B 100 -13.87 -0.57 42.20
CA LEU B 100 -14.16 -0.37 40.76
C LEU B 100 -14.34 -1.67 40.02
N ASN B 101 -15.25 -1.75 39.07
CA ASN B 101 -15.45 -2.90 38.22
C ASN B 101 -14.73 -2.66 36.89
N VAL B 102 -14.02 -3.66 36.42
CA VAL B 102 -13.34 -3.64 35.13
C VAL B 102 -13.88 -4.73 34.24
N LYS B 103 -14.31 -4.42 33.02
CA LYS B 103 -14.78 -5.34 32.02
C LYS B 103 -13.85 -5.35 30.80
N CYS B 104 -13.34 -6.51 30.47
CA CYS B 104 -12.40 -6.63 29.33
C CYS B 104 -13.17 -6.81 28.05
N LEU B 105 -12.82 -6.01 27.00
CA LEU B 105 -13.46 -6.04 25.71
C LEU B 105 -12.45 -6.46 24.63
N ALA B 106 -12.70 -7.57 23.94
CA ALA B 106 -11.74 -7.98 22.91
C ALA B 106 -11.96 -7.15 21.65
N THR B 107 -10.86 -6.48 21.22
CA THR B 107 -10.92 -5.65 20.02
C THR B 107 -9.81 -6.01 19.05
N PRO B 108 -9.75 -7.23 18.52
CA PRO B 108 -8.67 -7.63 17.63
C PRO B 108 -8.64 -6.87 16.31
N CYS B 109 -7.49 -6.40 15.90
CA CYS B 109 -7.24 -5.80 14.61
C CYS B 109 -5.80 -5.31 14.60
N HIS B 110 -5.45 -4.26 15.37
CA HIS B 110 -4.07 -3.78 15.47
C HIS B 110 -3.13 -4.89 15.89
N THR B 111 -3.55 -5.62 16.92
CA THR B 111 -2.98 -6.95 17.21
C THR B 111 -4.17 -7.87 17.42
N SER B 112 -3.95 -9.20 17.26
CA SER B 112 -5.03 -10.16 17.46
C SER B 112 -5.42 -10.38 18.91
N GLY B 113 -4.58 -10.02 19.87
CA GLY B 113 -4.87 -10.17 21.30
C GLY B 113 -5.15 -8.83 21.99
N HIS B 114 -5.51 -7.80 21.25
CA HIS B 114 -5.80 -6.51 21.87
C HIS B 114 -7.06 -6.54 22.74
N ILE B 115 -6.90 -5.95 23.93
CA ILE B 115 -8.00 -5.79 24.89
C ILE B 115 -8.14 -4.32 25.30
N CYS B 116 -9.41 -3.86 25.28
CA CYS B 116 -9.76 -2.54 25.84
C CYS B 116 -10.39 -2.76 27.23
N TYR B 117 -10.12 -1.90 28.16
CA TYR B 117 -10.60 -2.07 29.56
C TYR B 117 -11.63 -0.99 29.87
N PHE B 118 -12.87 -1.46 30.12
CA PHE B 118 -13.98 -0.54 30.53
C PHE B 118 -14.13 -0.49 32.05
N VAL B 119 -13.87 0.64 32.67
CA VAL B 119 -13.84 0.77 34.12
C VAL B 119 -15.00 1.61 34.63
N SER B 120 -15.75 1.10 35.62
CA SER B 120 -16.90 1.87 36.13
C SER B 120 -17.05 1.67 37.64
N LYS B 121 -17.98 2.44 38.18
CA LYS B 121 -18.32 2.34 39.60
C LYS B 121 -19.77 1.93 39.76
N PRO B 122 -20.01 0.67 40.09
CA PRO B 122 -21.35 0.13 40.29
C PRO B 122 -22.16 1.00 41.25
N GLY B 123 -23.33 1.46 40.81
CA GLY B 123 -24.19 2.32 41.60
C GLY B 123 -23.74 3.76 41.78
N GLY B 124 -22.64 4.14 41.15
CA GLY B 124 -22.10 5.49 41.25
C GLY B 124 -22.77 6.44 40.27
N SER B 125 -22.37 7.72 40.34
CA SER B 125 -22.95 8.71 39.45
C SER B 125 -21.94 9.31 38.47
N GLU B 126 -20.69 8.89 38.57
CA GLU B 126 -19.63 9.43 37.73
C GLU B 126 -19.57 8.62 36.42
N PRO B 127 -19.14 9.30 35.36
CA PRO B 127 -18.99 8.67 34.05
C PRO B 127 -17.85 7.63 34.09
N PRO B 128 -18.08 6.59 33.29
CA PRO B 128 -17.11 5.48 33.15
C PRO B 128 -15.94 5.88 32.24
N ALA B 129 -14.92 5.03 32.19
CA ALA B 129 -13.72 5.27 31.38
C ALA B 129 -13.38 4.01 30.57
N VAL B 130 -12.80 4.23 29.38
CA VAL B 130 -12.38 3.06 28.56
C VAL B 130 -10.94 3.32 28.09
N PHE B 131 -10.05 2.33 28.35
CA PHE B 131 -8.62 2.36 28.00
C PHE B 131 -8.48 1.52 26.73
N THR B 132 -8.26 2.28 25.63
CA THR B 132 -8.34 1.74 24.28
C THR B 132 -7.03 1.42 23.60
N GLY B 133 -5.89 1.57 24.26
CA GLY B 133 -4.62 1.16 23.64
C GLY B 133 -4.48 1.76 22.23
N ASP B 134 -4.12 0.86 21.29
CA ASP B 134 -3.89 1.29 19.89
C ASP B 134 -5.04 0.86 19.00
N THR B 135 -6.25 0.64 19.54
CA THR B 135 -7.45 0.39 18.75
C THR B 135 -8.07 1.73 18.36
N LEU B 136 -8.46 2.58 19.30
CA LEU B 136 -9.11 3.87 19.12
C LEU B 136 -8.18 4.95 19.66
N PHE B 137 -7.77 5.90 18.81
CA PHE B 137 -7.06 7.07 19.31
C PHE B 137 -7.99 8.28 19.24
N VAL B 138 -7.64 9.45 19.77
CA VAL B 138 -8.46 10.67 19.64
C VAL B 138 -8.39 11.06 18.16
N ALA B 139 -9.55 10.94 17.46
CA ALA B 139 -9.67 11.21 16.05
C ALA B 139 -8.95 10.28 15.10
N GLY B 140 -8.52 9.09 15.55
CA GLY B 140 -7.85 8.12 14.70
C GLY B 140 -8.01 6.67 15.13
N CYS B 141 -7.19 5.77 14.62
CA CYS B 141 -7.22 4.36 14.98
C CYS B 141 -5.87 3.73 14.68
N GLY B 142 -5.64 2.53 15.22
CA GLY B 142 -4.36 1.85 14.97
C GLY B 142 -4.20 1.32 13.55
N LYS B 143 -2.94 1.18 13.18
CA LYS B 143 -2.64 0.53 11.88
C LYS B 143 -3.09 -0.92 12.02
N PHE B 144 -3.50 -1.54 10.91
CA PHE B 144 -4.03 -2.90 10.93
C PHE B 144 -2.96 -3.99 10.81
N TYR B 145 -2.02 -4.02 11.78
CA TYR B 145 -0.89 -4.96 11.68
C TYR B 145 -1.27 -6.42 11.68
N GLU B 146 -2.28 -6.88 12.41
CA GLU B 146 -2.67 -8.28 12.50
C GLU B 146 -4.15 -8.47 12.19
N GLY B 147 -4.73 -7.60 11.36
CA GLY B 147 -6.18 -7.66 11.17
C GLY B 147 -6.70 -6.99 9.91
N THR B 148 -8.03 -7.09 9.76
CA THR B 148 -8.74 -6.59 8.58
C THR B 148 -9.63 -5.40 8.88
N ALA B 149 -10.16 -4.82 7.78
CA ALA B 149 -11.09 -3.70 7.90
C ALA B 149 -12.38 -4.09 8.61
N ASP B 150 -12.86 -5.33 8.34
CA ASP B 150 -14.05 -5.81 9.01
C ASP B 150 -13.88 -5.87 10.54
N GLU B 151 -12.68 -6.32 10.96
CA GLU B 151 -12.38 -6.38 12.39
C GLU B 151 -12.31 -4.99 13.06
N MET B 152 -11.74 -4.01 12.34
CA MET B 152 -11.75 -2.64 12.92
C MET B 152 -13.15 -2.05 12.97
N CYS B 153 -14.01 -2.33 11.97
CA CYS B 153 -15.40 -1.88 12.02
C CYS B 153 -16.13 -2.47 13.23
N LYS B 154 -15.91 -3.78 13.45
CA LYS B 154 -16.53 -4.40 14.63
C LYS B 154 -16.06 -3.80 15.96
N ALA B 155 -14.71 -3.63 16.03
CA ALA B 155 -14.16 -3.06 17.28
C ALA B 155 -14.68 -1.65 17.56
N LEU B 156 -14.67 -0.80 16.51
CA LEU B 156 -15.08 0.59 16.73
C LEU B 156 -16.58 0.82 16.82
N LEU B 157 -17.34 0.16 15.92
CA LEU B 157 -18.76 0.48 15.84
C LEU B 157 -19.63 -0.41 16.73
N GLU B 158 -19.23 -1.64 16.97
CA GLU B 158 -20.07 -2.59 17.73
C GLU B 158 -19.60 -2.81 19.15
N VAL B 159 -18.30 -2.91 19.39
CA VAL B 159 -17.80 -3.12 20.75
C VAL B 159 -17.62 -1.81 21.49
N LEU B 160 -16.71 -0.92 21.04
CA LEU B 160 -16.60 0.35 21.71
C LEU B 160 -17.78 1.28 21.44
N GLY B 161 -18.28 1.30 20.21
CA GLY B 161 -19.36 2.20 19.83
C GLY B 161 -20.66 2.04 20.57
N ARG B 162 -20.92 0.88 21.17
CA ARG B 162 -22.18 0.67 21.92
C ARG B 162 -22.02 0.97 23.39
N LEU B 163 -20.87 1.46 23.88
CA LEU B 163 -20.67 1.90 25.25
C LEU B 163 -21.40 3.23 25.44
N PRO B 164 -21.60 3.70 26.67
CA PRO B 164 -22.33 4.97 26.88
C PRO B 164 -21.58 6.07 26.16
N PRO B 165 -22.28 7.06 25.62
CA PRO B 165 -21.70 8.21 24.97
C PRO B 165 -20.78 9.03 25.80
N ASP B 166 -20.98 9.16 27.12
CA ASP B 166 -20.19 9.94 28.02
C ASP B 166 -18.92 9.25 28.52
N THR B 167 -18.73 8.00 28.03
CA THR B 167 -17.50 7.28 28.44
C THR B 167 -16.24 8.05 28.06
N ARG B 168 -15.33 8.25 28.97
CA ARG B 168 -14.08 8.97 28.72
C ARG B 168 -13.09 8.02 28.02
N VAL B 169 -12.46 8.44 26.94
CA VAL B 169 -11.55 7.61 26.14
C VAL B 169 -10.12 7.99 26.42
N TYR B 170 -9.35 6.97 26.88
CA TYR B 170 -7.93 7.15 27.26
C TYR B 170 -7.08 6.21 26.40
N CYS B 171 -6.45 6.77 25.34
CA CYS B 171 -5.75 5.96 24.32
C CYS B 171 -4.25 5.83 24.52
N GLY B 172 -3.64 4.99 23.66
CA GLY B 172 -2.22 4.65 23.83
C GLY B 172 -1.23 5.73 23.47
N HIS B 173 -1.50 6.58 22.49
CA HIS B 173 -0.52 7.57 22.00
C HIS B 173 -1.10 8.97 21.84
N GLU B 174 -0.21 9.97 21.87
CA GLU B 174 -0.48 11.35 21.62
C GLU B 174 -0.30 11.62 20.12
N TYR B 175 -1.31 11.20 19.31
CA TYR B 175 -1.32 11.40 17.86
C TYR B 175 -2.45 12.33 17.43
N THR B 176 -3.06 13.06 18.29
CA THR B 176 -4.27 13.83 18.04
C THR B 176 -4.18 14.87 16.96
N ILE B 177 -3.09 15.66 16.92
CA ILE B 177 -3.02 16.72 15.92
C ILE B 177 -2.93 16.12 14.52
N ASN B 178 -2.07 15.14 14.31
CA ASN B 178 -1.90 14.54 12.99
C ASN B 178 -3.16 13.79 12.60
N ASN B 179 -3.83 13.13 13.59
CA ASN B 179 -5.10 12.44 13.25
C ASN B 179 -6.09 13.45 12.76
N LEU B 180 -6.25 14.64 13.35
CA LEU B 180 -7.22 15.65 12.95
C LEU B 180 -6.82 16.31 11.62
N LYS B 181 -5.54 16.45 11.32
CA LYS B 181 -5.16 16.96 9.98
C LYS B 181 -5.65 15.96 8.95
N PHE B 182 -5.57 14.65 9.16
CA PHE B 182 -6.09 13.68 8.19
C PHE B 182 -7.61 13.79 8.16
N ALA B 183 -8.29 13.88 9.30
CA ALA B 183 -9.75 13.99 9.35
C ALA B 183 -10.23 15.21 8.55
N ARG B 184 -9.51 16.34 8.63
CA ARG B 184 -9.84 17.59 7.92
C ARG B 184 -9.74 17.38 6.42
N HIS B 185 -8.85 16.55 5.92
CA HIS B 185 -8.74 16.18 4.51
C HIS B 185 -9.93 15.36 4.10
N VAL B 186 -10.37 14.34 4.87
CA VAL B 186 -11.52 13.52 4.56
C VAL B 186 -12.78 14.34 4.54
N GLU B 187 -13.01 15.21 5.48
CA GLU B 187 -14.20 16.02 5.59
C GLU B 187 -13.88 17.50 5.75
N PRO B 188 -13.53 18.19 4.66
CA PRO B 188 -13.28 19.61 4.67
C PRO B 188 -14.42 20.48 5.19
N GLY B 189 -15.70 20.11 5.16
CA GLY B 189 -16.78 20.93 5.65
C GLY B 189 -17.23 20.63 7.06
N ASN B 190 -16.49 19.82 7.83
CA ASN B 190 -16.87 19.49 9.22
C ASN B 190 -16.22 20.42 10.23
N ALA B 191 -17.01 21.28 10.89
CA ALA B 191 -16.56 22.26 11.84
C ALA B 191 -16.08 21.69 13.17
N ALA B 192 -16.62 20.52 13.57
CA ALA B 192 -16.15 19.89 14.80
C ALA B 192 -14.68 19.50 14.66
N ILE B 193 -14.23 19.05 13.51
CA ILE B 193 -12.86 18.70 13.25
C ILE B 193 -11.96 19.94 13.45
N ARG B 194 -12.40 21.04 12.83
CA ARG B 194 -11.61 22.30 12.86
C ARG B 194 -11.48 22.82 14.26
N GLU B 195 -12.53 22.81 15.05
CA GLU B 195 -12.47 23.32 16.42
C GLU B 195 -11.67 22.38 17.32
N LYS B 196 -11.79 21.06 17.16
CA LYS B 196 -10.96 20.14 17.94
C LYS B 196 -9.48 20.27 17.58
N LEU B 197 -9.14 20.54 16.32
CA LEU B 197 -7.74 20.76 15.93
C LEU B 197 -7.14 22.04 16.56
N ALA B 198 -7.93 23.12 16.62
CA ALA B 198 -7.43 24.35 17.28
C ALA B 198 -7.22 24.02 18.74
N TRP B 199 -8.09 23.37 19.45
CA TRP B 199 -7.97 22.96 20.83
C TRP B 199 -6.75 22.07 21.06
N ALA B 200 -6.47 21.13 20.19
CA ALA B 200 -5.32 20.23 20.34
C ALA B 200 -4.00 20.98 20.15
N LYS B 201 -3.93 21.92 19.22
CA LYS B 201 -2.68 22.68 19.04
C LYS B 201 -2.46 23.54 20.29
N GLU B 202 -3.46 24.08 20.92
CA GLU B 202 -3.25 24.83 22.17
C GLU B 202 -2.77 23.92 23.29
N LYS B 203 -3.34 22.72 23.47
CA LYS B 203 -2.89 21.79 24.49
C LYS B 203 -1.44 21.37 24.22
N TYR B 204 -1.00 21.13 23.00
CA TYR B 204 0.37 20.76 22.68
C TYR B 204 1.29 21.93 23.06
N SER B 205 0.84 23.16 22.80
CA SER B 205 1.67 24.33 23.15
C SER B 205 1.91 24.42 24.63
N ILE B 206 0.97 24.13 25.50
CA ILE B 206 1.18 24.28 26.94
C ILE B 206 1.67 22.99 27.59
N GLY B 207 1.90 21.93 26.85
CA GLY B 207 2.38 20.66 27.37
C GLY B 207 1.32 19.79 28.05
N GLU B 208 0.04 19.93 27.75
CA GLU B 208 -0.98 19.13 28.40
C GLU B 208 -1.50 18.07 27.41
N PRO B 209 -1.83 16.91 27.93
CA PRO B 209 -2.35 15.82 27.09
C PRO B 209 -3.69 16.21 26.47
N THR B 210 -3.99 15.52 25.35
CA THR B 210 -5.28 15.68 24.66
C THR B 210 -6.28 14.63 25.08
N VAL B 211 -5.92 13.76 26.02
CA VAL B 211 -6.83 12.74 26.58
C VAL B 211 -7.33 13.22 27.92
N PRO B 212 -8.49 12.78 28.36
CA PRO B 212 -9.39 11.98 27.58
C PRO B 212 -10.29 12.75 26.61
N SER B 213 -10.84 12.01 25.63
CA SER B 213 -11.94 12.52 24.83
C SER B 213 -13.17 11.75 25.34
N THR B 214 -14.27 11.80 24.61
CA THR B 214 -15.47 11.04 24.98
C THR B 214 -15.93 10.31 23.72
N LEU B 215 -16.65 9.19 23.83
CA LEU B 215 -17.20 8.50 22.68
C LEU B 215 -18.12 9.41 21.85
N ALA B 216 -18.97 10.21 22.46
CA ALA B 216 -19.81 11.13 21.70
C ALA B 216 -18.96 12.08 20.86
N GLU B 217 -17.84 12.61 21.41
CA GLU B 217 -16.97 13.45 20.60
C GLU B 217 -16.32 12.71 19.45
N GLU B 218 -15.87 11.47 19.69
CA GLU B 218 -15.29 10.70 18.58
C GLU B 218 -16.24 10.51 17.41
N PHE B 219 -17.53 10.33 17.72
CA PHE B 219 -18.48 10.19 16.62
C PHE B 219 -18.68 11.45 15.79
N THR B 220 -18.28 12.62 16.28
CA THR B 220 -18.40 13.86 15.54
C THR B 220 -17.20 14.16 14.64
N TYR B 221 -15.99 13.69 14.96
CA TYR B 221 -14.78 14.07 14.22
C TYR B 221 -13.83 12.97 13.81
N ASN B 222 -14.01 11.71 14.18
CA ASN B 222 -13.05 10.64 13.87
C ASN B 222 -13.48 9.93 12.59
N PRO B 223 -12.73 10.01 11.49
CA PRO B 223 -13.16 9.40 10.22
C PRO B 223 -13.40 7.94 10.34
N PHE B 224 -12.62 7.23 11.17
CA PHE B 224 -12.79 5.78 11.29
C PHE B 224 -14.05 5.44 12.07
N MET B 225 -14.50 6.23 13.03
CA MET B 225 -15.77 6.03 13.70
C MET B 225 -16.94 6.45 12.81
N ARG B 226 -16.69 7.24 11.79
CA ARG B 226 -17.71 7.81 10.92
C ARG B 226 -17.80 7.13 9.58
N VAL B 227 -17.39 5.85 9.46
CA VAL B 227 -17.47 5.12 8.17
C VAL B 227 -18.91 4.85 7.75
N ARG B 228 -19.93 5.08 8.55
CA ARG B 228 -21.34 4.92 8.12
C ARG B 228 -21.85 6.27 7.62
N GLU B 229 -21.10 7.37 7.70
CA GLU B 229 -21.55 8.70 7.26
C GLU B 229 -21.36 8.86 5.77
N LYS B 230 -22.42 9.31 5.04
CA LYS B 230 -22.33 9.53 3.61
C LYS B 230 -21.20 10.41 3.12
N THR B 231 -20.77 11.42 3.88
CA THR B 231 -19.64 12.26 3.49
C THR B 231 -18.37 11.45 3.40
N VAL B 232 -18.14 10.57 4.43
CA VAL B 232 -16.94 9.75 4.43
C VAL B 232 -16.95 8.70 3.33
N GLN B 233 -18.12 8.09 3.11
CA GLN B 233 -18.28 7.11 2.02
C GLN B 233 -18.03 7.75 0.65
N GLN B 234 -18.63 8.93 0.48
CA GLN B 234 -18.45 9.62 -0.80
C GLN B 234 -17.00 9.99 -1.00
N HIS B 235 -16.27 10.39 0.07
CA HIS B 235 -14.85 10.67 -0.05
C HIS B 235 -14.05 9.45 -0.47
N ALA B 236 -14.36 8.30 0.12
CA ALA B 236 -13.70 7.04 -0.19
C ALA B 236 -14.15 6.44 -1.51
N GLY B 237 -15.32 6.83 -2.01
CA GLY B 237 -15.81 6.24 -3.26
C GLY B 237 -16.41 4.87 -2.98
N GLU B 238 -17.02 4.69 -1.79
CA GLU B 238 -17.63 3.41 -1.43
C GLU B 238 -19.02 3.61 -0.86
N THR B 239 -19.80 2.52 -0.73
CA THR B 239 -21.17 2.63 -0.24
C THR B 239 -21.53 1.72 0.92
N ASP B 240 -20.53 1.22 1.67
CA ASP B 240 -20.75 0.43 2.88
C ASP B 240 -19.54 0.69 3.83
N PRO B 241 -19.75 0.45 5.11
CA PRO B 241 -18.71 0.74 6.11
C PRO B 241 -17.45 -0.06 5.97
N VAL B 242 -17.46 -1.32 5.58
CA VAL B 242 -16.22 -2.11 5.50
C VAL B 242 -15.29 -1.67 4.41
N THR B 243 -15.80 -1.52 3.17
CA THR B 243 -14.95 -1.03 2.10
C THR B 243 -14.46 0.41 2.36
N THR B 244 -15.31 1.26 2.95
CA THR B 244 -14.94 2.63 3.35
C THR B 244 -13.79 2.56 4.37
N MET B 245 -13.94 1.73 5.42
CA MET B 245 -12.83 1.58 6.39
C MET B 245 -11.52 1.17 5.74
N ARG B 246 -11.57 0.18 4.84
CA ARG B 246 -10.38 -0.28 4.15
C ARG B 246 -9.71 0.83 3.34
N ALA B 247 -10.55 1.62 2.62
CA ALA B 247 -10.03 2.70 1.82
C ALA B 247 -9.46 3.85 2.63
N VAL B 248 -10.17 4.21 3.72
CA VAL B 248 -9.68 5.33 4.53
C VAL B 248 -8.38 4.95 5.26
N ARG B 249 -8.26 3.70 5.68
CA ARG B 249 -7.01 3.32 6.38
C ARG B 249 -5.82 3.28 5.40
N ARG B 250 -6.07 2.79 4.18
CA ARG B 250 -5.01 2.80 3.19
C ARG B 250 -4.57 4.22 2.82
N GLU B 251 -5.52 5.14 2.70
CA GLU B 251 -5.21 6.53 2.42
C GLU B 251 -4.40 7.15 3.54
N LYS B 252 -4.81 6.99 4.82
CA LYS B 252 -4.02 7.58 5.92
C LYS B 252 -2.59 7.04 5.98
N ASP B 253 -2.40 5.76 5.70
CA ASP B 253 -1.06 5.15 5.70
C ASP B 253 -0.13 5.86 4.72
N GLN B 254 -0.62 6.41 3.62
CA GLN B 254 0.20 7.11 2.64
C GLN B 254 0.13 8.63 2.69
N PHE B 255 -0.64 9.22 3.59
CA PHE B 255 -0.87 10.66 3.68
C PHE B 255 0.30 11.52 4.14
N LYS B 256 0.61 12.61 3.42
CA LYS B 256 1.68 13.48 3.89
C LYS B 256 1.08 14.59 4.76
N MET B 257 1.48 14.67 6.00
CA MET B 257 0.98 15.66 6.93
C MET B 257 1.37 17.10 6.58
N PRO B 258 0.37 17.97 6.46
CA PRO B 258 0.60 19.39 6.22
C PRO B 258 1.30 19.99 7.42
N ARG B 259 1.97 21.16 7.26
CA ARG B 259 2.68 21.71 8.41
C ARG B 259 1.89 22.65 9.29
N ASP B 260 0.59 22.81 9.10
CA ASP B 260 -0.33 23.63 9.85
C ASP B 260 -1.74 23.03 9.72
#